data_3CY3
#
_entry.id   3CY3
#
_cell.length_a   98.239
_cell.length_b   98.239
_cell.length_c   80.723
_cell.angle_alpha   90.000
_cell.angle_beta   90.000
_cell.angle_gamma   120.000
#
_symmetry.space_group_name_H-M   'P 65'
#
loop_
_entity.id
_entity.type
_entity.pdbx_description
1 polymer 'Serine/threonine-protein kinase pim-1'
2 polymer 'Pimtide peptide'
3 non-polymer 1,2-ETHANEDIOL
4 non-polymer (2S)-1,3-benzothiazol-2-yl{2-[(2-pyridin-3-ylethyl)amino]pyrimidin-4-yl}ethanenitrile
5 water water
#
loop_
_entity_poly.entity_id
_entity_poly.type
_entity_poly.pdbx_seq_one_letter_code
_entity_poly.pdbx_strand_id
1 'polypeptide(L)'
;SMLLSKINSLAHLRAAPCNDLHATKLAPGKEKEPLESQYQVGPLLGSGGFGSVYSGIRVSDNLPVAIKHVEKDRISDWGE
LPNGTRVPMEVVLLKKVSSGFSGVIRLLDWFERPDSFVLILERPEPVQDLFDFITERGALQEELARSFFWQVLEAVRHCH
NCGVLHRDIKDENILIDLNRGELKLIDFGSGALLKDTVYTDFDGTRVYSPPEWIRYHRYHGRSAAVWSLGILLYDMVCGD
IPFEHDEEIIGGQVFFRQRVS(SEP)ECQHLIRWCLALRPSDRPTFEEIQNHPWMQDVLLPQETAEIHLHSLSPGPSK
;
A
2 'polypeptide(L)' ARKRRRHPSGPPTA B
#
loop_
_chem_comp.id
_chem_comp.type
_chem_comp.name
_chem_comp.formula
EDO non-polymer 1,2-ETHANEDIOL 'C2 H6 O2'
JN5 non-polymer (2S)-1,3-benzothiazol-2-yl{2-[(2-pyridin-3-ylethyl)amino]pyrimidin-4-yl}ethanenitrile 'C20 H16 N6 S'
#
# COMPACT_ATOMS: atom_id res chain seq x y z
N PRO A 34 -24.89 19.12 -0.35
CA PRO A 34 -23.59 19.41 -0.97
C PRO A 34 -22.41 19.02 -0.07
N LEU A 35 -21.28 18.70 -0.71
CA LEU A 35 -19.99 18.43 -0.04
C LEU A 35 -19.67 19.39 1.12
N GLU A 36 -19.87 20.68 0.89
CA GLU A 36 -19.41 21.73 1.81
C GLU A 36 -20.24 21.85 3.13
N SER A 37 -21.50 21.42 3.13
CA SER A 37 -22.35 21.49 4.34
C SER A 37 -22.45 20.14 5.09
N GLN A 38 -21.69 19.15 4.66
CA GLN A 38 -21.70 17.83 5.30
C GLN A 38 -20.38 17.53 6.03
N TYR A 39 -19.27 18.12 5.57
CA TYR A 39 -17.93 17.86 6.13
C TYR A 39 -17.26 19.15 6.55
N GLN A 40 -16.72 19.13 7.76
CA GLN A 40 -15.88 20.22 8.25
C GLN A 40 -14.44 19.89 7.87
N VAL A 41 -13.76 20.83 7.21
CA VAL A 41 -12.43 20.58 6.66
C VAL A 41 -11.35 21.06 7.63
N GLY A 42 -10.38 20.19 7.88
CA GLY A 42 -9.27 20.51 8.77
C GLY A 42 -7.98 20.60 7.98
N PRO A 43 -6.85 20.40 8.64
CA PRO A 43 -5.55 20.53 8.01
C PRO A 43 -5.32 19.57 6.83
N LEU A 44 -4.49 20.03 5.90
CA LEU A 44 -3.89 19.22 4.88
C LEU A 44 -3.01 18.14 5.53
N LEU A 45 -3.29 16.88 5.18
CA LEU A 45 -2.55 15.69 5.65
C LEU A 45 -1.40 15.36 4.70
N GLY A 46 -1.63 15.53 3.41
CA GLY A 46 -0.57 15.37 2.41
C GLY A 46 -1.00 15.82 1.03
N SER A 47 -0.04 16.13 0.18
CA SER A 47 -0.29 16.33 -1.25
C SER A 47 0.88 15.88 -2.10
N GLY A 48 0.63 15.58 -3.36
CA GLY A 48 1.68 15.20 -4.30
C GLY A 48 1.06 14.69 -5.59
N GLY A 49 1.67 13.68 -6.21
CA GLY A 49 1.11 13.07 -7.41
C GLY A 49 -0.31 12.54 -7.25
N PHE A 50 -0.65 12.12 -6.04
CA PHE A 50 -1.96 11.52 -5.73
C PHE A 50 -3.08 12.57 -5.61
N GLY A 51 -2.69 13.83 -5.47
CA GLY A 51 -3.62 14.95 -5.28
C GLY A 51 -3.34 15.60 -3.94
N SER A 52 -4.41 16.08 -3.30
CA SER A 52 -4.36 16.77 -2.01
C SER A 52 -5.35 16.13 -1.07
N VAL A 53 -4.86 15.73 0.11
CA VAL A 53 -5.69 15.02 1.11
C VAL A 53 -5.79 15.83 2.42
N TYR A 54 -7.00 16.14 2.85
CA TYR A 54 -7.25 16.88 4.08
C TYR A 54 -7.90 16.01 5.12
N SER A 55 -7.67 16.39 6.37
CA SER A 55 -8.39 15.86 7.49
C SER A 55 -9.76 16.51 7.47
N GLY A 56 -10.76 15.76 7.88
CA GLY A 56 -12.08 16.33 8.04
C GLY A 56 -12.87 15.64 9.11
N ILE A 57 -14.03 16.18 9.36
CA ILE A 57 -14.98 15.59 10.28
C ILE A 57 -16.33 15.65 9.59
N ARG A 58 -17.03 14.52 9.55
CA ARG A 58 -18.41 14.51 9.10
C ARG A 58 -19.26 15.20 10.15
N VAL A 59 -19.96 16.25 9.74
CA VAL A 59 -20.68 17.13 10.65
C VAL A 59 -21.81 16.46 11.46
N SER A 60 -22.43 15.44 10.86
CA SER A 60 -23.62 14.78 11.42
C SER A 60 -23.36 14.02 12.70
N ASP A 61 -22.24 13.30 12.74
CA ASP A 61 -21.87 12.47 13.90
C ASP A 61 -20.41 12.63 14.31
N ASN A 62 -19.76 13.69 13.82
CA ASN A 62 -18.35 13.98 14.08
C ASN A 62 -17.36 12.84 13.74
N LEU A 63 -17.77 11.94 12.85
CA LEU A 63 -16.92 10.85 12.38
C LEU A 63 -15.67 11.43 11.72
N PRO A 64 -14.45 10.93 12.08
CA PRO A 64 -13.25 11.37 11.37
C PRO A 64 -13.19 10.86 9.95
N VAL A 65 -12.90 11.77 9.02
CA VAL A 65 -12.76 11.45 7.61
C VAL A 65 -11.50 12.04 7.01
N ALA A 66 -11.14 11.55 5.83
CA ALA A 66 -10.11 12.18 4.99
C ALA A 66 -10.83 12.60 3.71
N ILE A 67 -10.43 13.73 3.16
CA ILE A 67 -11.09 14.31 1.98
C ILE A 67 -10.00 14.47 0.94
N LYS A 68 -10.08 13.65 -0.11
CA LYS A 68 -9.09 13.59 -1.17
C LYS A 68 -9.64 14.26 -2.42
N HIS A 69 -8.85 15.18 -2.96
CA HIS A 69 -9.16 15.92 -4.16
C HIS A 69 -8.22 15.48 -5.28
N VAL A 70 -8.79 15.14 -6.43
CA VAL A 70 -8.04 14.79 -7.61
C VAL A 70 -8.56 15.64 -8.78
N GLU A 71 -7.65 16.30 -9.47
CA GLU A 71 -7.98 17.12 -10.64
C GLU A 71 -8.33 16.22 -11.80
N LYS A 72 -9.38 16.60 -12.55
CA LYS A 72 -9.91 15.75 -13.61
C LYS A 72 -8.88 15.54 -14.69
N ASP A 73 -8.18 16.61 -15.04
CA ASP A 73 -7.11 16.55 -16.05
C ASP A 73 -5.96 15.61 -15.69
N ARG A 74 -5.92 15.16 -14.44
CA ARG A 74 -4.87 14.27 -13.97
C ARG A 74 -5.34 12.82 -13.88
N ILE A 75 -6.64 12.59 -14.02
CA ILE A 75 -7.17 11.23 -13.97
C ILE A 75 -7.02 10.60 -15.35
N SER A 76 -6.22 9.54 -15.41
CA SER A 76 -5.89 8.85 -16.66
C SER A 76 -6.86 7.71 -16.95
N ASP A 77 -7.26 6.99 -15.91
CA ASP A 77 -8.06 5.78 -16.03
C ASP A 77 -9.47 6.03 -15.51
N TRP A 78 -10.46 5.78 -16.36
CA TRP A 78 -11.86 6.02 -16.05
C TRP A 78 -12.64 4.71 -16.04
N GLY A 79 -13.58 4.58 -15.12
CA GLY A 79 -14.49 3.44 -15.11
C GLY A 79 -15.93 3.92 -15.17
N GLU A 80 -16.85 2.96 -15.10
CA GLU A 80 -18.28 3.21 -14.96
C GLU A 80 -18.73 2.44 -13.71
N LEU A 81 -19.68 3.03 -12.97
CA LEU A 81 -20.18 2.45 -11.73
C LEU A 81 -21.43 1.57 -11.97
N PRO A 82 -21.52 0.41 -11.27
CA PRO A 82 -22.66 -0.51 -11.37
C PRO A 82 -24.03 0.20 -11.36
N THR A 85 -22.70 5.78 -14.08
CA THR A 85 -21.99 7.05 -14.02
C THR A 85 -20.49 6.84 -14.29
N ARG A 86 -19.89 7.76 -15.05
CA ARG A 86 -18.47 7.73 -15.39
C ARG A 86 -17.63 8.35 -14.29
N VAL A 87 -16.83 7.52 -13.63
CA VAL A 87 -16.02 7.97 -12.49
C VAL A 87 -14.55 7.60 -12.70
N PRO A 88 -13.66 8.22 -11.94
CA PRO A 88 -12.28 7.73 -12.01
C PRO A 88 -12.16 6.24 -11.61
N MET A 89 -11.25 5.51 -12.23
CA MET A 89 -11.03 4.09 -11.88
C MET A 89 -10.83 3.89 -10.37
N GLU A 90 -10.15 4.83 -9.71
CA GLU A 90 -9.89 4.79 -8.27
C GLU A 90 -11.18 4.60 -7.47
N VAL A 91 -12.25 5.32 -7.87
CA VAL A 91 -13.56 5.19 -7.22
C VAL A 91 -14.13 3.77 -7.43
N VAL A 92 -14.06 3.26 -8.66
CA VAL A 92 -14.48 1.89 -8.99
C VAL A 92 -13.75 0.86 -8.12
N LEU A 93 -12.44 1.00 -8.04
CA LEU A 93 -11.63 0.05 -7.26
C LEU A 93 -11.96 0.10 -5.77
N LEU A 94 -12.14 1.30 -5.21
CA LEU A 94 -12.43 1.51 -3.80
C LEU A 94 -13.79 0.96 -3.41
N LYS A 95 -14.76 1.10 -4.30
CA LYS A 95 -16.10 0.57 -4.06
C LYS A 95 -16.04 -0.93 -4.02
N LYS A 96 -15.20 -1.51 -4.89
CA LYS A 96 -15.06 -2.95 -4.94
C LYS A 96 -14.44 -3.51 -3.67
N VAL A 97 -13.60 -2.73 -2.99
CA VAL A 97 -12.91 -3.22 -1.80
C VAL A 97 -13.51 -2.72 -0.47
N SER A 98 -14.59 -1.94 -0.55
CA SER A 98 -15.11 -1.20 0.59
C SER A 98 -16.03 -2.01 1.45
N SER A 99 -16.40 -3.21 1.03
CA SER A 99 -17.34 -4.00 1.81
C SER A 99 -16.66 -4.70 2.97
N GLY A 100 -17.33 -4.66 4.12
CA GLY A 100 -16.89 -5.39 5.29
C GLY A 100 -15.75 -4.70 5.99
N PHE A 101 -15.22 -5.40 6.98
CA PHE A 101 -14.05 -4.97 7.73
C PHE A 101 -12.79 -5.58 7.06
N SER A 102 -11.86 -4.71 6.71
CA SER A 102 -10.56 -5.13 6.20
C SER A 102 -9.43 -4.12 6.53
N GLY A 103 -8.21 -4.46 6.10
CA GLY A 103 -7.05 -3.59 6.17
C GLY A 103 -6.89 -2.69 4.97
N VAL A 104 -7.99 -2.43 4.27
CA VAL A 104 -8.03 -1.46 3.19
C VAL A 104 -8.82 -0.25 3.65
N ILE A 105 -8.37 0.94 3.26
CA ILE A 105 -9.12 2.19 3.54
C ILE A 105 -10.50 2.16 2.85
N ARG A 106 -11.53 2.58 3.60
CA ARG A 106 -12.92 2.54 3.15
C ARG A 106 -13.37 3.88 2.53
N LEU A 107 -13.89 3.81 1.31
CA LEU A 107 -14.53 4.94 0.66
C LEU A 107 -15.92 5.12 1.28
N LEU A 108 -16.21 6.31 1.80
CA LEU A 108 -17.50 6.62 2.39
C LEU A 108 -18.42 7.32 1.41
N ASP A 109 -17.86 8.14 0.53
CA ASP A 109 -18.65 8.92 -0.40
C ASP A 109 -17.71 9.53 -1.45
N TRP A 110 -18.31 10.12 -2.48
CA TRP A 110 -17.54 10.86 -3.47
C TRP A 110 -18.46 11.85 -4.18
N PHE A 111 -17.84 12.88 -4.74
CA PHE A 111 -18.52 14.01 -5.37
C PHE A 111 -17.77 14.42 -6.63
N GLU A 112 -18.49 14.67 -7.71
CA GLU A 112 -17.89 15.27 -8.89
C GLU A 112 -18.04 16.79 -8.85
N ARG A 113 -16.96 17.50 -9.19
CA ARG A 113 -17.00 18.94 -9.34
C ARG A 113 -16.61 19.28 -10.78
N PRO A 114 -16.80 20.56 -11.17
CA PRO A 114 -16.41 20.90 -12.54
C PRO A 114 -15.02 20.38 -12.95
N ASP A 115 -14.02 20.55 -12.10
CA ASP A 115 -12.65 20.28 -12.49
C ASP A 115 -11.95 19.23 -11.66
N SER A 116 -12.71 18.55 -10.81
CA SER A 116 -12.13 17.61 -9.87
C SER A 116 -13.16 16.58 -9.33
N PHE A 117 -12.64 15.51 -8.75
CA PHE A 117 -13.43 14.57 -7.95
C PHE A 117 -12.94 14.67 -6.50
N VAL A 118 -13.90 14.62 -5.58
CA VAL A 118 -13.63 14.60 -4.16
C VAL A 118 -14.07 13.24 -3.60
N LEU A 119 -13.14 12.57 -2.94
CA LEU A 119 -13.34 11.27 -2.28
C LEU A 119 -13.34 11.46 -0.77
N ILE A 120 -14.36 10.92 -0.10
CA ILE A 120 -14.45 10.94 1.37
C ILE A 120 -14.10 9.54 1.87
N LEU A 121 -13.04 9.45 2.67
CA LEU A 121 -12.52 8.21 3.17
C LEU A 121 -12.61 8.22 4.69
N GLU A 122 -12.72 7.02 5.29
CA GLU A 122 -12.55 6.87 6.74
C GLU A 122 -11.15 7.37 7.13
N ARG A 123 -11.00 7.78 8.37
CA ARG A 123 -9.72 8.24 8.87
C ARG A 123 -9.46 7.63 10.24
N PRO A 124 -8.53 6.65 10.31
CA PRO A 124 -7.91 6.19 11.54
C PRO A 124 -7.28 7.31 12.35
N GLU A 125 -7.41 7.20 13.66
CA GLU A 125 -6.80 8.17 14.55
C GLU A 125 -6.59 7.46 15.91
N PRO A 126 -5.38 7.56 16.49
CA PRO A 126 -4.20 8.23 15.95
C PRO A 126 -3.48 7.35 14.94
N VAL A 127 -2.79 8.00 14.02
CA VAL A 127 -2.22 7.31 12.87
C VAL A 127 -0.82 7.85 12.57
N GLN A 128 0.06 6.97 12.11
CA GLN A 128 1.30 7.36 11.44
C GLN A 128 1.46 6.47 10.24
N ASP A 129 1.99 7.03 9.15
CA ASP A 129 2.29 6.21 8.00
C ASP A 129 3.57 5.36 8.27
N LEU A 130 3.65 4.23 7.56
CA LEU A 130 4.73 3.30 7.78
C LEU A 130 6.09 3.88 7.35
N PHE A 131 6.13 4.75 6.34
CA PHE A 131 7.38 5.44 5.97
C PHE A 131 7.98 6.18 7.17
N ASP A 132 7.18 7.06 7.77
CA ASP A 132 7.65 7.86 8.88
C ASP A 132 7.96 6.97 10.10
N PHE A 133 7.21 5.90 10.26
CA PHE A 133 7.40 4.95 11.37
C PHE A 133 8.77 4.31 11.28
N ILE A 134 9.15 3.83 10.10
CA ILE A 134 10.47 3.22 9.88
C ILE A 134 11.62 4.28 9.95
N THR A 135 11.39 5.48 9.43
CA THR A 135 12.37 6.55 9.54
C THR A 135 12.73 6.82 10.99
N GLU A 136 11.72 6.95 11.84
CA GLU A 136 11.92 7.29 13.25
C GLU A 136 12.39 6.10 14.10
N ARG A 137 11.90 4.91 13.83
CA ARG A 137 12.28 3.77 14.64
C ARG A 137 13.52 2.97 14.12
N GLY A 138 13.89 3.17 12.88
CA GLY A 138 14.89 2.30 12.21
C GLY A 138 14.35 0.91 11.84
N ALA A 139 15.27 -0.02 11.55
CA ALA A 139 14.91 -1.42 11.24
C ALA A 139 13.99 -1.95 12.33
N LEU A 140 12.89 -2.58 11.94
CA LEU A 140 11.92 -3.12 12.90
C LEU A 140 12.35 -4.49 13.40
N GLN A 141 12.16 -4.74 14.69
CA GLN A 141 12.19 -6.10 15.22
C GLN A 141 11.32 -7.04 14.36
N GLU A 142 11.78 -8.28 14.17
CA GLU A 142 11.12 -9.20 13.25
C GLU A 142 9.69 -9.58 13.63
N GLU A 143 9.42 -9.64 14.93
CA GLU A 143 8.10 -9.85 15.46
C GLU A 143 7.11 -8.77 15.00
N LEU A 144 7.61 -7.53 15.00
CA LEU A 144 6.88 -6.36 14.57
C LEU A 144 6.70 -6.36 13.03
N ALA A 145 7.78 -6.58 12.30
CA ALA A 145 7.73 -6.74 10.84
C ALA A 145 6.83 -7.93 10.44
N ARG A 146 6.88 -9.04 11.18
CA ARG A 146 5.99 -10.16 10.92
C ARG A 146 4.50 -9.75 11.02
N SER A 147 4.14 -9.05 12.09
CA SER A 147 2.75 -8.62 12.31
C SER A 147 2.27 -7.65 11.24
N PHE A 148 3.10 -6.64 10.94
CA PHE A 148 2.81 -5.66 9.90
C PHE A 148 2.69 -6.30 8.52
N PHE A 149 3.65 -7.13 8.18
CA PHE A 149 3.68 -7.79 6.87
C PHE A 149 2.53 -8.75 6.66
N TRP A 150 2.23 -9.54 7.69
CA TRP A 150 1.03 -10.39 7.73
C TRP A 150 -0.26 -9.65 7.43
N GLN A 151 -0.45 -8.52 8.12
CA GLN A 151 -1.59 -7.62 7.85
C GLN A 151 -1.60 -7.03 6.43
N VAL A 152 -0.43 -6.69 5.85
CA VAL A 152 -0.40 -6.20 4.47
C VAL A 152 -0.82 -7.32 3.52
N LEU A 153 -0.32 -8.52 3.77
CA LEU A 153 -0.72 -9.68 3.01
C LEU A 153 -2.23 -9.92 2.99
N GLU A 154 -2.87 -9.90 4.15
CA GLU A 154 -4.29 -10.06 4.23
C GLU A 154 -5.06 -8.97 3.48
N ALA A 155 -4.55 -7.72 3.52
CA ALA A 155 -5.19 -6.61 2.82
C ALA A 155 -5.06 -6.74 1.29
N VAL A 156 -3.91 -7.17 0.85
CA VAL A 156 -3.66 -7.39 -0.57
C VAL A 156 -4.47 -8.58 -1.07
N ARG A 157 -4.61 -9.65 -0.26
CA ARG A 157 -5.48 -10.79 -0.59
C ARG A 157 -6.92 -10.36 -0.76
N HIS A 158 -7.37 -9.49 0.12
CA HIS A 158 -8.71 -8.89 0.04
C HIS A 158 -8.92 -8.14 -1.27
N CYS A 159 -7.98 -7.25 -1.60
CA CYS A 159 -8.03 -6.56 -2.87
C CYS A 159 -8.16 -7.50 -4.05
N HIS A 160 -7.24 -8.47 -4.16
CA HIS A 160 -7.22 -9.42 -5.26
C HIS A 160 -8.50 -10.25 -5.31
N ASN A 161 -8.97 -10.71 -4.15
CA ASN A 161 -10.26 -11.37 -4.04
C ASN A 161 -11.45 -10.55 -4.60
N CYS A 162 -11.39 -9.22 -4.47
CA CYS A 162 -12.40 -8.28 -5.00
C CYS A 162 -12.12 -7.81 -6.45
N GLY A 163 -11.07 -8.32 -7.08
CA GLY A 163 -10.75 -8.03 -8.48
C GLY A 163 -10.00 -6.71 -8.64
N VAL A 164 -9.29 -6.32 -7.58
CA VAL A 164 -8.50 -5.09 -7.55
C VAL A 164 -7.03 -5.35 -7.40
N LEU A 165 -6.22 -4.76 -8.28
CA LEU A 165 -4.76 -4.73 -8.17
C LEU A 165 -4.27 -3.33 -7.73
N HIS A 166 -3.64 -3.22 -6.58
CA HIS A 166 -3.28 -1.89 -6.05
C HIS A 166 -2.21 -1.17 -6.89
N ARG A 167 -1.15 -1.89 -7.25
CA ARG A 167 -0.02 -1.41 -8.05
C ARG A 167 0.93 -0.35 -7.42
N ASP A 168 0.76 -0.03 -6.16
CA ASP A 168 1.65 0.89 -5.48
C ASP A 168 1.80 0.54 -3.98
N ILE A 169 2.08 -0.74 -3.72
CA ILE A 169 2.33 -1.21 -2.36
C ILE A 169 3.71 -0.68 -1.96
N LYS A 170 3.72 0.13 -0.89
CA LYS A 170 4.92 0.71 -0.31
C LYS A 170 4.59 1.25 1.10
N ASP A 171 5.62 1.45 1.91
CA ASP A 171 5.45 2.00 3.26
C ASP A 171 4.68 3.31 3.31
N GLU A 172 4.86 4.15 2.29
CA GLU A 172 4.16 5.44 2.20
C GLU A 172 2.65 5.27 2.08
N ASN A 173 2.23 4.13 1.51
CA ASN A 173 0.81 3.84 1.31
C ASN A 173 0.19 2.91 2.35
N ILE A 174 0.81 2.89 3.54
CA ILE A 174 0.33 2.08 4.66
C ILE A 174 0.22 2.96 5.91
N LEU A 175 -0.99 3.03 6.47
CA LEU A 175 -1.23 3.74 7.72
C LEU A 175 -1.31 2.77 8.86
N ILE A 176 -0.68 3.14 9.97
CA ILE A 176 -0.73 2.35 11.17
C ILE A 176 -1.67 3.07 12.16
N ASP A 177 -2.71 2.38 12.59
CA ASP A 177 -3.56 2.81 13.69
C ASP A 177 -2.79 2.40 14.94
N LEU A 178 -2.27 3.42 15.62
CA LEU A 178 -1.28 3.28 16.67
C LEU A 178 -1.90 2.75 17.98
N ASN A 179 -3.23 2.90 18.12
CA ASN A 179 -3.95 2.39 19.27
C ASN A 179 -4.42 0.95 19.10
N ARG A 180 -4.95 0.61 17.93
CA ARG A 180 -5.49 -0.73 17.64
C ARG A 180 -4.45 -1.72 17.06
N GLY A 181 -3.26 -1.21 16.67
CA GLY A 181 -2.23 -2.03 16.01
C GLY A 181 -2.63 -2.58 14.63
N GLU A 182 -3.54 -1.89 13.97
CA GLU A 182 -4.08 -2.26 12.66
C GLU A 182 -3.51 -1.38 11.53
N LEU A 183 -3.15 -2.04 10.42
CA LEU A 183 -2.63 -1.39 9.21
C LEU A 183 -3.74 -1.19 8.15
N LYS A 184 -3.64 -0.07 7.42
CA LYS A 184 -4.58 0.32 6.34
C LYS A 184 -3.81 0.70 5.11
N LEU A 185 -4.16 0.04 4.02
CA LEU A 185 -3.63 0.28 2.70
C LEU A 185 -4.38 1.46 2.11
N ILE A 186 -3.63 2.48 1.69
CA ILE A 186 -4.19 3.69 1.09
C ILE A 186 -3.66 3.87 -0.34
N ASP A 187 -4.20 4.90 -1.00
CA ASP A 187 -3.84 5.33 -2.34
C ASP A 187 -3.97 4.26 -3.43
N PHE A 188 -5.23 4.00 -3.80
CA PHE A 188 -5.59 3.18 -4.94
C PHE A 188 -5.55 3.91 -6.30
N GLY A 189 -4.97 5.10 -6.34
CA GLY A 189 -4.94 5.92 -7.56
C GLY A 189 -4.06 5.45 -8.69
N SER A 190 -3.26 4.42 -8.47
CA SER A 190 -2.41 3.82 -9.51
C SER A 190 -2.94 2.42 -9.86
N GLY A 191 -4.06 2.02 -9.26
CA GLY A 191 -4.51 0.63 -9.31
C GLY A 191 -5.21 0.29 -10.60
N ALA A 192 -5.52 -0.99 -10.78
CA ALA A 192 -6.29 -1.46 -11.95
C ALA A 192 -7.19 -2.59 -11.54
N LEU A 193 -8.14 -2.90 -12.40
CA LEU A 193 -8.86 -4.16 -12.30
C LEU A 193 -7.83 -5.28 -12.47
N LEU A 194 -7.94 -6.32 -11.64
CA LEU A 194 -7.08 -7.49 -11.75
C LEU A 194 -7.53 -8.32 -12.97
N LYS A 195 -6.56 -8.72 -13.79
CA LYS A 195 -6.72 -9.57 -14.96
C LYS A 195 -5.61 -10.62 -14.95
N ASP A 196 -5.70 -11.63 -15.82
CA ASP A 196 -4.68 -12.69 -15.89
C ASP A 196 -3.67 -12.50 -17.03
N THR A 197 -3.94 -11.50 -17.86
CA THR A 197 -3.08 -11.13 -18.97
C THR A 197 -2.07 -10.05 -18.54
N VAL A 198 -1.12 -9.77 -19.44
CA VAL A 198 -0.01 -8.89 -19.14
C VAL A 198 -0.50 -7.45 -19.03
N TYR A 199 0.10 -6.69 -18.12
CA TYR A 199 -0.03 -5.24 -18.07
C TYR A 199 1.16 -4.62 -18.77
N THR A 200 0.93 -3.59 -19.57
CA THR A 200 1.97 -2.85 -20.25
C THR A 200 2.05 -1.38 -19.79
N ASP A 201 1.22 -0.99 -18.82
CA ASP A 201 1.21 0.38 -18.28
C ASP A 201 1.51 0.28 -16.79
N PHE A 202 2.15 1.31 -16.23
CA PHE A 202 2.43 1.38 -14.81
C PHE A 202 2.80 2.81 -14.38
N ASP A 203 2.09 3.34 -13.38
CA ASP A 203 2.40 4.65 -12.81
C ASP A 203 2.55 4.56 -11.28
N GLY A 204 2.93 3.38 -10.77
CA GLY A 204 3.29 3.22 -9.37
C GLY A 204 4.72 3.69 -9.12
N THR A 205 5.30 3.25 -8.02
CA THR A 205 6.62 3.69 -7.60
C THR A 205 7.70 2.79 -8.19
N ARG A 206 8.64 3.40 -8.91
CA ARG A 206 9.62 2.61 -9.69
C ARG A 206 10.53 1.69 -8.87
N VAL A 207 10.97 2.20 -7.71
CA VAL A 207 11.81 1.42 -6.78
C VAL A 207 11.14 0.21 -6.16
N TYR A 208 9.80 0.14 -6.22
CA TYR A 208 9.08 -1.06 -5.80
C TYR A 208 8.63 -1.92 -6.96
N SER A 209 8.99 -1.53 -8.19
CA SER A 209 8.50 -2.17 -9.42
C SER A 209 9.46 -3.32 -9.82
N PRO A 210 8.94 -4.38 -10.48
CA PRO A 210 9.77 -5.55 -10.68
C PRO A 210 10.66 -5.45 -11.93
N PRO A 211 11.67 -6.32 -12.04
CA PRO A 211 12.64 -6.22 -13.11
C PRO A 211 12.07 -6.41 -14.51
N GLU A 212 11.01 -7.22 -14.63
CA GLU A 212 10.33 -7.41 -15.92
C GLU A 212 9.68 -6.09 -16.38
N TRP A 213 9.28 -5.23 -15.45
CA TRP A 213 8.78 -3.91 -15.84
C TRP A 213 9.94 -3.04 -16.33
N ILE A 214 10.96 -2.87 -15.49
CA ILE A 214 12.19 -2.12 -15.82
C ILE A 214 12.74 -2.55 -17.19
N ARG A 215 12.94 -3.87 -17.38
CA ARG A 215 13.50 -4.40 -18.65
C ARG A 215 12.54 -4.40 -19.83
N TYR A 216 11.29 -4.80 -19.64
CA TYR A 216 10.40 -5.06 -20.79
C TYR A 216 9.10 -4.24 -20.84
N HIS A 217 8.84 -3.42 -19.84
CA HIS A 217 7.57 -2.73 -19.70
C HIS A 217 6.35 -3.66 -19.79
N ARG A 218 6.49 -4.82 -19.15
CA ARG A 218 5.44 -5.83 -19.05
C ARG A 218 5.55 -6.51 -17.69
N TYR A 219 4.40 -6.78 -17.07
CA TYR A 219 4.31 -7.56 -15.85
C TYR A 219 2.92 -8.21 -15.72
N HIS A 220 2.85 -9.23 -14.87
CA HIS A 220 1.58 -9.82 -14.50
C HIS A 220 1.27 -9.36 -13.10
N GLY A 221 0.00 -9.26 -12.76
CA GLY A 221 -0.39 -8.53 -11.55
C GLY A 221 0.13 -9.05 -10.23
N ARG A 222 -0.18 -10.33 -9.97
CA ARG A 222 0.11 -10.98 -8.72
C ARG A 222 1.59 -11.12 -8.50
N SER A 223 2.32 -11.54 -9.54
CA SER A 223 3.75 -11.71 -9.44
C SER A 223 4.48 -10.35 -9.17
N ALA A 224 4.02 -9.28 -9.81
CA ALA A 224 4.54 -7.94 -9.59
C ALA A 224 4.23 -7.45 -8.16
N ALA A 225 3.02 -7.79 -7.67
CA ALA A 225 2.64 -7.47 -6.27
C ALA A 225 3.55 -8.16 -5.25
N VAL A 226 3.91 -9.42 -5.53
CA VAL A 226 4.82 -10.17 -4.63
C VAL A 226 6.24 -9.58 -4.58
N TRP A 227 6.74 -9.13 -5.73
CA TRP A 227 7.99 -8.38 -5.77
C TRP A 227 7.95 -7.12 -4.90
N SER A 228 6.89 -6.31 -5.02
CA SER A 228 6.77 -5.08 -4.22
C SER A 228 6.70 -5.42 -2.73
N LEU A 229 6.08 -6.57 -2.41
CA LEU A 229 5.98 -7.08 -1.06
C LEU A 229 7.33 -7.50 -0.46
N GLY A 230 8.23 -8.09 -1.26
CA GLY A 230 9.61 -8.36 -0.87
C GLY A 230 10.45 -7.11 -0.58
N ILE A 231 10.24 -6.07 -1.39
CA ILE A 231 10.85 -4.77 -1.22
C ILE A 231 10.38 -4.17 0.11
N LEU A 232 9.08 -4.29 0.37
CA LEU A 232 8.49 -3.83 1.64
C LEU A 232 9.01 -4.56 2.87
N LEU A 233 9.13 -5.87 2.77
CA LEU A 233 9.59 -6.64 3.90
C LEU A 233 11.07 -6.29 4.21
N TYR A 234 11.89 -6.14 3.17
CA TYR A 234 13.27 -5.68 3.32
C TYR A 234 13.30 -4.34 3.99
N ASP A 235 12.52 -3.39 3.47
CA ASP A 235 12.38 -2.07 4.03
C ASP A 235 12.12 -2.13 5.54
N MET A 236 11.17 -2.96 5.94
CA MET A 236 10.81 -3.13 7.35
C MET A 236 11.95 -3.72 8.21
N VAL A 237 12.58 -4.81 7.79
CA VAL A 237 13.62 -5.47 8.63
C VAL A 237 15.03 -4.83 8.53
N CYS A 238 15.26 -4.00 7.51
CA CYS A 238 16.55 -3.35 7.27
C CYS A 238 16.54 -1.84 7.45
N GLY A 239 15.37 -1.20 7.46
CA GLY A 239 15.32 0.24 7.68
C GLY A 239 15.21 1.10 6.43
N ASP A 240 15.43 0.51 5.24
CA ASP A 240 15.24 1.18 3.95
C ASP A 240 15.16 0.11 2.88
N ILE A 241 14.57 0.48 1.73
CA ILE A 241 14.42 -0.37 0.57
C ILE A 241 15.81 -0.82 0.07
N PRO A 242 15.88 -2.00 -0.57
CA PRO A 242 17.16 -2.52 -1.04
C PRO A 242 17.75 -1.81 -2.26
N PHE A 243 16.90 -1.33 -3.17
CA PHE A 243 17.35 -0.86 -4.48
C PHE A 243 16.88 0.56 -4.70
N GLU A 244 17.77 1.39 -5.27
CA GLU A 244 17.44 2.74 -5.77
C GLU A 244 17.50 2.82 -7.30
N HIS A 245 18.41 2.06 -7.89
CA HIS A 245 18.77 2.17 -9.29
C HIS A 245 18.25 0.99 -10.10
N ASP A 246 17.94 1.24 -11.38
CA ASP A 246 17.41 0.21 -12.27
C ASP A 246 18.33 -1.02 -12.34
N GLU A 247 19.64 -0.77 -12.28
CA GLU A 247 20.63 -1.84 -12.42
C GLU A 247 20.64 -2.76 -11.21
N GLU A 248 20.40 -2.18 -10.02
CA GLU A 248 20.19 -3.00 -8.80
C GLU A 248 18.92 -3.83 -8.89
N ILE A 249 17.83 -3.22 -9.33
CA ILE A 249 16.53 -3.93 -9.49
C ILE A 249 16.72 -5.16 -10.39
N ILE A 250 17.32 -4.96 -11.55
CA ILE A 250 17.46 -6.07 -12.49
C ILE A 250 18.58 -7.07 -12.09
N GLY A 251 19.48 -6.65 -11.20
CA GLY A 251 20.70 -7.42 -10.90
C GLY A 251 20.54 -8.74 -10.16
N GLY A 252 19.53 -8.86 -9.31
CA GLY A 252 19.28 -10.13 -8.61
C GLY A 252 20.10 -10.40 -7.35
N GLN A 253 20.66 -9.34 -6.74
CA GLN A 253 21.54 -9.51 -5.59
C GLN A 253 20.94 -8.70 -4.44
N VAL A 254 20.62 -9.39 -3.34
CA VAL A 254 20.07 -8.73 -2.15
C VAL A 254 21.18 -8.74 -1.10
N PHE A 255 21.73 -7.55 -0.84
CA PHE A 255 22.68 -7.37 0.23
C PHE A 255 21.88 -6.96 1.47
N PHE A 256 22.15 -7.65 2.56
CA PHE A 256 21.57 -7.36 3.88
C PHE A 256 22.43 -6.45 4.72
N ARG A 257 21.90 -5.26 5.04
CA ARG A 257 22.66 -4.18 5.71
C ARG A 257 22.51 -4.22 7.25
N GLN A 258 21.47 -4.92 7.70
CA GLN A 258 21.20 -5.25 9.09
C GLN A 258 21.24 -6.77 9.29
N ARG A 259 21.42 -7.17 10.55
CA ARG A 259 21.24 -8.54 10.96
C ARG A 259 19.79 -8.95 10.77
N VAL A 260 19.57 -9.92 9.88
CA VAL A 260 18.25 -10.42 9.55
C VAL A 260 18.38 -11.95 9.66
N SER A 261 17.40 -12.59 10.28
CA SER A 261 17.36 -14.04 10.39
C SER A 261 17.37 -14.74 9.01
N SEP A 262 17.95 -15.93 9.00
CA SEP A 262 18.06 -16.72 7.78
CB SEP A 262 18.88 -17.97 8.05
OG SEP A 262 19.99 -17.52 8.80
C SEP A 262 16.68 -17.00 7.16
O SEP A 262 16.53 -16.91 5.96
P SEP A 262 20.80 -18.59 9.68
O1P SEP A 262 22.20 -17.87 10.13
O2P SEP A 262 20.09 -19.08 11.01
O3P SEP A 262 21.05 -19.93 8.79
N GLU A 263 15.66 -17.28 8.01
CA GLU A 263 14.30 -17.54 7.50
C GLU A 263 13.68 -16.31 6.84
N CYS A 264 13.88 -15.14 7.45
CA CYS A 264 13.44 -13.90 6.85
C CYS A 264 14.21 -13.54 5.56
N GLN A 265 15.54 -13.66 5.54
CA GLN A 265 16.32 -13.43 4.33
C GLN A 265 15.83 -14.31 3.18
N HIS A 266 15.54 -15.58 3.50
CA HIS A 266 15.04 -16.53 2.54
C HIS A 266 13.70 -16.09 1.94
N LEU A 267 12.73 -15.68 2.77
CA LEU A 267 11.46 -15.17 2.26
C LEU A 267 11.63 -13.94 1.35
N ILE A 268 12.42 -12.99 1.81
CA ILE A 268 12.71 -11.79 1.04
C ILE A 268 13.22 -12.17 -0.35
N ARG A 269 14.24 -13.01 -0.38
CA ARG A 269 14.89 -13.41 -1.63
C ARG A 269 14.01 -14.21 -2.57
N TRP A 270 13.08 -14.98 -2.00
CA TRP A 270 12.10 -15.70 -2.77
C TRP A 270 11.10 -14.72 -3.40
N CYS A 271 10.68 -13.72 -2.63
CA CYS A 271 9.81 -12.66 -3.17
C CYS A 271 10.43 -11.83 -4.28
N LEU A 272 11.75 -11.62 -4.17
CA LEU A 272 12.55 -10.88 -5.16
C LEU A 272 13.31 -11.78 -6.14
N ALA A 273 12.80 -12.98 -6.40
CA ALA A 273 13.25 -13.81 -7.51
C ALA A 273 13.13 -13.03 -8.81
N LEU A 274 14.22 -12.98 -9.59
CA LEU A 274 14.21 -12.29 -10.88
C LEU A 274 13.15 -12.84 -11.85
N ARG A 275 12.95 -14.15 -11.88
CA ARG A 275 11.92 -14.72 -12.75
C ARG A 275 10.60 -14.71 -11.99
N PRO A 276 9.57 -14.02 -12.54
CA PRO A 276 8.27 -13.93 -11.85
C PRO A 276 7.70 -15.28 -11.39
N SER A 277 7.81 -16.31 -12.23
CA SER A 277 7.32 -17.67 -11.91
C SER A 277 8.11 -18.33 -10.75
N ASP A 278 9.28 -17.81 -10.42
CA ASP A 278 10.02 -18.28 -9.25
C ASP A 278 9.55 -17.63 -7.95
N ARG A 279 8.70 -16.60 -8.02
CA ARG A 279 8.17 -15.94 -6.83
C ARG A 279 7.06 -16.78 -6.18
N PRO A 280 6.94 -16.69 -4.83
CA PRO A 280 5.91 -17.44 -4.13
C PRO A 280 4.54 -16.86 -4.43
N THR A 281 3.53 -17.71 -4.34
CA THR A 281 2.13 -17.28 -4.27
C THR A 281 1.84 -16.67 -2.88
N PHE A 282 0.70 -16.01 -2.71
CA PHE A 282 0.33 -15.47 -1.38
C PHE A 282 0.22 -16.56 -0.34
N GLU A 283 -0.26 -17.71 -0.75
CA GLU A 283 -0.35 -18.88 0.12
C GLU A 283 0.99 -19.35 0.61
N GLU A 284 1.95 -19.47 -0.31
CA GLU A 284 3.32 -19.82 0.02
C GLU A 284 4.03 -18.84 0.97
N ILE A 285 3.81 -17.54 0.77
CA ILE A 285 4.30 -16.50 1.68
C ILE A 285 3.76 -16.73 3.10
N GLN A 286 2.45 -16.87 3.20
CA GLN A 286 1.78 -17.01 4.49
C GLN A 286 2.02 -18.38 5.18
N ASN A 287 2.35 -19.39 4.39
CA ASN A 287 2.82 -20.68 4.92
C ASN A 287 4.30 -20.74 5.18
N HIS A 288 5.04 -19.68 4.84
CA HIS A 288 6.50 -19.65 5.10
C HIS A 288 6.78 -19.72 6.61
N PRO A 289 7.83 -20.47 7.02
CA PRO A 289 8.22 -20.61 8.43
C PRO A 289 8.45 -19.28 9.17
N TRP A 290 9.00 -18.29 8.48
CA TRP A 290 9.18 -16.96 9.04
C TRP A 290 7.84 -16.28 9.45
N MET A 291 6.74 -16.63 8.78
CA MET A 291 5.44 -16.02 9.00
C MET A 291 4.59 -16.66 10.12
N GLN A 292 5.13 -17.67 10.80
CA GLN A 292 4.35 -18.39 11.79
C GLN A 292 4.31 -17.65 13.16
N ASP A 293 3.28 -17.99 13.95
CA ASP A 293 3.04 -17.39 15.29
C ASP A 293 2.95 -15.85 15.27
N VAL A 294 2.19 -15.31 14.32
CA VAL A 294 1.97 -13.89 14.21
C VAL A 294 1.26 -13.34 15.46
N LEU A 295 1.64 -12.13 15.85
CA LEU A 295 0.90 -11.39 16.89
C LEU A 295 -0.47 -10.95 16.38
N LEU A 296 -1.45 -10.92 17.29
CA LEU A 296 -2.71 -10.25 17.06
C LEU A 296 -2.47 -8.75 16.99
N PRO A 297 -3.34 -8.01 16.27
CA PRO A 297 -3.18 -6.54 16.21
C PRO A 297 -3.08 -5.85 17.60
N GLN A 298 -3.96 -6.22 18.52
CA GLN A 298 -3.92 -5.64 19.87
C GLN A 298 -2.64 -5.94 20.64
N GLU A 299 -2.08 -7.14 20.49
CA GLU A 299 -0.78 -7.49 21.09
C GLU A 299 0.35 -6.66 20.47
N THR A 300 0.33 -6.52 19.15
CA THR A 300 1.23 -5.63 18.44
C THR A 300 1.20 -4.21 19.01
N ALA A 301 -0.01 -3.65 19.20
CA ALA A 301 -0.18 -2.32 19.75
C ALA A 301 0.35 -2.24 21.18
N GLU A 302 -0.01 -3.21 22.03
CA GLU A 302 0.45 -3.23 23.43
C GLU A 302 1.96 -3.36 23.58
N ILE A 303 2.55 -4.26 22.80
CA ILE A 303 4.01 -4.51 22.86
C ILE A 303 4.85 -3.44 22.19
N HIS A 304 4.43 -2.99 21.01
CA HIS A 304 5.34 -2.24 20.15
C HIS A 304 4.93 -0.80 19.89
N LEU A 305 3.66 -0.47 20.17
CA LEU A 305 3.10 0.83 19.79
C LEU A 305 2.66 1.70 20.98
N HIS A 306 2.11 1.12 22.05
CA HIS A 306 1.66 1.94 23.20
C HIS A 306 2.88 2.27 24.06
N ARG B 2 23.34 6.99 6.01
CA ARG B 2 22.87 6.88 4.57
C ARG B 2 21.46 7.42 4.39
N LYS B 3 21.22 8.05 3.22
CA LYS B 3 19.99 8.82 3.00
C LYS B 3 18.77 7.99 2.52
N ARG B 4 17.76 7.96 3.38
CA ARG B 4 16.44 7.40 3.11
C ARG B 4 15.53 8.49 2.57
N ARG B 5 14.81 8.18 1.50
CA ARG B 5 13.93 9.16 0.87
C ARG B 5 12.62 8.55 0.42
N ARG B 6 11.62 9.40 0.27
CA ARG B 6 10.37 9.04 -0.31
C ARG B 6 10.59 8.97 -1.80
N HIS B 7 9.68 8.30 -2.49
CA HIS B 7 9.73 8.13 -3.95
C HIS B 7 8.32 8.34 -4.56
N PRO B 8 8.13 9.42 -5.33
CA PRO B 8 6.82 9.66 -5.95
C PRO B 8 6.39 8.55 -6.91
N SER B 9 5.10 8.42 -7.14
CA SER B 9 4.57 7.37 -8.01
C SER B 9 4.81 7.57 -9.51
C1 EDO C . -7.36 6.14 -0.35
O1 EDO C . -6.33 7.08 -0.17
C2 EDO C . -7.95 6.36 -1.72
O2 EDO C . -7.29 5.62 -2.75
C1W JN5 D . -2.19 10.08 6.62
C1X JN5 D . -2.89 10.37 7.79
C1Y JN5 D . -2.30 11.25 8.69
N1Z JN5 D . -1.12 11.80 8.43
C2A JN5 D . -0.43 11.54 7.32
C1V JN5 D . -0.95 10.66 6.40
C1U JN5 D . -0.22 10.32 5.13
C1T JN5 D . -0.45 11.33 4.02
N1S JN5 D . 0.40 10.97 2.90
C2 JN5 D . -0.09 10.41 1.78
N3 JN5 D . -1.42 10.21 1.67
N1 JN5 D . 0.77 10.02 0.79
C6 JN5 D . 0.30 9.48 -0.32
C5 JN5 D . -1.07 9.28 -0.47
C4 JN5 D . -1.94 9.66 0.56
C1J JN5 D . -3.32 9.43 0.47
C1K JN5 D . -3.87 9.12 -0.80
N1L JN5 D . -4.25 8.91 -1.84
C1I JN5 D . -4.08 9.33 1.62
N1G JN5 D . -5.33 8.73 1.69
C1E JN5 D . -5.89 8.74 2.97
C1C JN5 D . -7.13 8.23 3.41
C1A JN5 D . -7.47 8.32 4.75
C1B JN5 D . -6.62 8.95 5.68
C1D JN5 D . -5.39 9.47 5.26
C1F JN5 D . -5.04 9.35 3.91
S1H JN5 D . -3.58 9.92 3.22
#